data_7UEU
#
_entry.id   7UEU
#
_cell.length_a   98.199
_cell.length_b   98.199
_cell.length_c   68.938
_cell.angle_alpha   90.000
_cell.angle_beta   90.000
_cell.angle_gamma   120.000
#
_symmetry.space_group_name_H-M   'P 31 2 1'
#
loop_
_entity.id
_entity.type
_entity.pdbx_description
1 polymer 'Pantothenate kinase 3'
2 non-polymer N-(4-{2-[4-(6-cyanopyridazin-3-yl)piperazin-1-yl]-2-oxoethyl}phenyl)ethanesulfonamide
3 non-polymer 'AMP PHOSPHORAMIDATE'
4 non-polymer 'MAGNESIUM ION'
5 non-polymer 1,2-ETHANEDIOL
6 water water
#
_entity_poly.entity_id   1
_entity_poly.type   'polypeptide(L)'
_entity_poly.pdbx_seq_one_letter_code
;MGSSHHHHHHSSGLVPRGSPWFGMDIGGTLVKLSYFEPIDITAEEEQEEVESLKSIRKYLTSNVAYGSTGIRDVHLELKD
LTLFGRRGNLHFIRFPTQDLPTFIQMGRDKNFSTLQTVLCATGGGAYKFEKDFRTIGNLHLHKLDELDCLVKGLLYIDSV
SFNGQAECYYFANASEPERCQKMPFNLDDPYPLLVVNIGSGVSILAVHSKDNYKRVTGTSLGGGTFLGLCSLLTGCESFE
EALEMASKGDSTQADKLVRDIYGGDYERFGLPGWAVASSFGNMIYKEKRESVSKEDLARATLVTITNNIGSVARMCAVNE
KINRVVFVGNFLRVNTLSMKLLAYALDYWSKGQLKALFLEHEGYFGAVGALLGLPNFSDD
;
_entity_poly.pdbx_strand_id   A
#
# COMPACT_ATOMS: atom_id res chain seq x y z
N SER A 19 -20.22 19.03 -9.94
CA SER A 19 -19.80 18.08 -8.92
C SER A 19 -18.44 17.47 -9.24
N PRO A 20 -17.43 17.77 -8.43
CA PRO A 20 -16.10 17.18 -8.65
C PRO A 20 -16.12 15.68 -8.42
N TRP A 21 -15.24 14.99 -9.15
CA TRP A 21 -15.21 13.52 -9.14
C TRP A 21 -14.09 13.06 -8.22
N PHE A 22 -14.46 12.54 -7.05
CA PHE A 22 -13.45 12.12 -6.03
C PHE A 22 -13.70 10.68 -5.61
N GLY A 23 -12.63 9.92 -5.37
CA GLY A 23 -12.77 8.57 -4.80
C GLY A 23 -11.97 8.55 -3.51
N MET A 24 -12.53 8.11 -2.38
CA MET A 24 -11.83 8.23 -1.11
C MET A 24 -11.80 6.90 -0.39
N ASP A 25 -10.61 6.51 0.08
CA ASP A 25 -10.42 5.30 0.87
C ASP A 25 -9.92 5.76 2.22
N ILE A 26 -10.78 5.68 3.24
CA ILE A 26 -10.44 6.13 4.59
C ILE A 26 -10.03 4.89 5.37
N GLY A 27 -8.72 4.67 5.49
CA GLY A 27 -8.19 3.51 6.17
C GLY A 27 -8.00 3.74 7.67
N GLY A 28 -7.49 2.69 8.34
CA GLY A 28 -7.15 2.82 9.74
C GLY A 28 -6.03 3.82 10.02
N THR A 29 -5.13 4.04 9.04
CA THR A 29 -4.00 4.96 9.20
C THR A 29 -4.06 6.13 8.23
N LEU A 30 -4.24 5.89 6.94
CA LEU A 30 -4.19 6.96 5.94
C LEU A 30 -5.50 7.10 5.20
N VAL A 31 -5.82 8.33 4.83
CA VAL A 31 -6.86 8.62 3.86
C VAL A 31 -6.22 8.73 2.49
N LYS A 32 -6.77 8.02 1.51
CA LYS A 32 -6.32 8.08 0.13
C LYS A 32 -7.45 8.66 -0.71
N LEU A 33 -7.08 9.61 -1.57
CA LEU A 33 -8.03 10.35 -2.37
C LEU A 33 -7.56 10.35 -3.83
N SER A 34 -8.44 9.91 -4.74
CA SER A 34 -8.21 10.01 -6.16
C SER A 34 -9.16 11.06 -6.71
N TYR A 35 -8.62 12.00 -7.48
CA TYR A 35 -9.37 13.12 -8.01
C TYR A 35 -9.16 13.20 -9.51
N PHE A 36 -10.24 13.29 -10.26
CA PHE A 36 -10.18 13.39 -11.73
C PHE A 36 -10.33 14.86 -12.13
N GLU A 37 -9.24 15.44 -12.64
CA GLU A 37 -9.23 16.83 -13.12
C GLU A 37 -9.60 16.86 -14.60
N PRO A 38 -10.76 17.40 -14.97
CA PRO A 38 -11.09 17.51 -16.41
C PRO A 38 -10.15 18.48 -17.10
N ILE A 39 -9.72 18.11 -18.30
CA ILE A 39 -8.84 18.96 -19.10
C ILE A 39 -9.48 19.38 -20.41
N ASP A 40 -10.63 18.82 -20.77
CA ASP A 40 -11.38 19.20 -21.97
C ASP A 40 -12.51 20.16 -21.64
N ILE A 41 -12.24 21.14 -20.78
CA ILE A 41 -13.28 22.06 -20.33
C ILE A 41 -13.53 23.06 -21.45
N THR A 42 -14.80 23.17 -21.86
CA THR A 42 -15.17 24.06 -22.94
C THR A 42 -15.09 25.52 -22.49
N ALA A 43 -15.34 26.42 -23.44
CA ALA A 43 -15.52 27.84 -23.12
C ALA A 43 -16.83 28.09 -22.39
N GLU A 44 -17.89 27.33 -22.71
CA GLU A 44 -19.16 27.49 -22.04
C GLU A 44 -19.17 26.80 -20.67
N GLU A 45 -18.56 25.62 -20.56
CA GLU A 45 -18.54 24.92 -19.28
C GLU A 45 -17.76 25.72 -18.22
N GLU A 46 -16.78 26.51 -18.65
CA GLU A 46 -15.99 27.28 -17.68
C GLU A 46 -16.78 28.47 -17.15
N GLN A 47 -17.60 29.11 -18.00
CA GLN A 47 -18.51 30.14 -17.49
C GLN A 47 -19.51 29.54 -16.50
N GLU A 48 -20.16 28.45 -16.89
CA GLU A 48 -21.18 27.77 -16.10
C GLU A 48 -20.63 27.06 -14.88
N GLU A 49 -19.34 27.15 -14.54
CA GLU A 49 -18.83 26.51 -13.34
C GLU A 49 -18.87 27.48 -12.17
N VAL A 50 -19.24 26.97 -11.01
CA VAL A 50 -19.41 27.83 -9.84
C VAL A 50 -18.04 28.11 -9.22
N GLU A 51 -17.92 29.30 -8.62
CA GLU A 51 -16.64 29.78 -8.11
C GLU A 51 -16.03 28.81 -7.11
N SER A 52 -16.86 28.16 -6.29
CA SER A 52 -16.33 27.18 -5.34
C SER A 52 -15.72 25.97 -6.06
N LEU A 53 -16.30 25.57 -7.19
CA LEU A 53 -15.75 24.44 -7.93
C LEU A 53 -14.45 24.83 -8.63
N LYS A 54 -14.39 26.04 -9.18
CA LYS A 54 -13.13 26.53 -9.73
C LYS A 54 -12.07 26.65 -8.65
N SER A 55 -12.45 27.13 -7.47
CA SER A 55 -11.48 27.32 -6.40
C SER A 55 -10.94 25.99 -5.89
N ILE A 56 -11.79 24.96 -5.79
CA ILE A 56 -11.30 23.66 -5.38
C ILE A 56 -10.34 23.10 -6.42
N ARG A 57 -10.71 23.19 -7.71
CA ARG A 57 -9.83 22.66 -8.74
C ARG A 57 -8.50 23.39 -8.76
N LYS A 58 -8.52 24.72 -8.64
CA LYS A 58 -7.26 25.46 -8.61
C LYS A 58 -6.46 25.11 -7.36
N TYR A 59 -7.12 25.00 -6.20
CA TYR A 59 -6.40 24.68 -4.97
C TYR A 59 -5.67 23.36 -5.07
N LEU A 60 -6.30 22.36 -5.71
CA LEU A 60 -5.72 21.02 -5.77
C LEU A 60 -4.61 20.93 -6.81
N THR A 61 -4.78 21.56 -7.97
CA THR A 61 -3.78 21.52 -9.03
C THR A 61 -2.62 22.48 -8.80
N SER A 62 -2.81 23.51 -7.97
CA SER A 62 -1.79 24.53 -7.75
C SER A 62 -0.89 24.23 -6.55
N ASN A 63 -1.21 23.22 -5.74
CA ASN A 63 -0.45 22.90 -4.55
C ASN A 63 -0.11 21.42 -4.53
N VAL A 64 1.06 21.10 -4.01
CA VAL A 64 1.47 19.72 -3.80
C VAL A 64 1.45 19.34 -2.32
N ALA A 65 1.36 20.32 -1.43
CA ALA A 65 1.13 20.11 -0.01
C ALA A 65 -0.17 20.81 0.37
N TYR A 66 -0.98 20.15 1.18
CA TYR A 66 -2.29 20.67 1.56
C TYR A 66 -2.33 20.76 3.08
N GLY A 67 -2.46 21.98 3.60
CA GLY A 67 -2.30 22.11 5.04
C GLY A 67 -0.94 21.63 5.47
N SER A 68 -0.88 21.07 6.68
CA SER A 68 0.37 20.56 7.23
C SER A 68 0.61 19.09 6.97
N THR A 69 -0.40 18.32 6.54
CA THR A 69 -0.23 16.87 6.44
C THR A 69 -0.74 16.24 5.14
N GLY A 70 -1.33 17.01 4.23
CA GLY A 70 -1.78 16.47 2.97
C GLY A 70 -0.67 16.55 1.92
N ILE A 71 -0.56 15.50 1.11
CA ILE A 71 0.46 15.42 0.08
C ILE A 71 -0.17 14.92 -1.21
N ARG A 72 0.14 15.58 -2.33
CA ARG A 72 -0.18 15.04 -3.63
C ARG A 72 1.04 14.31 -4.18
N ASP A 73 0.87 13.04 -4.53
CA ASP A 73 1.96 12.25 -5.11
C ASP A 73 1.99 12.54 -6.60
N VAL A 74 2.66 13.64 -6.95
CA VAL A 74 2.62 14.15 -8.32
C VAL A 74 3.14 13.11 -9.32
N HIS A 75 4.13 12.32 -8.94
CA HIS A 75 4.76 11.38 -9.86
C HIS A 75 3.82 10.25 -10.28
N LEU A 76 2.74 10.01 -9.53
CA LEU A 76 1.78 8.97 -9.86
C LEU A 76 0.67 9.43 -10.80
N GLU A 77 0.56 10.72 -11.07
CA GLU A 77 -0.57 11.26 -11.85
C GLU A 77 -0.70 10.54 -13.19
N LEU A 78 -1.93 10.20 -13.55
CA LEU A 78 -2.25 9.64 -14.86
C LEU A 78 -2.80 10.75 -15.74
N LYS A 79 -2.13 11.00 -16.87
CA LYS A 79 -2.44 12.14 -17.71
C LYS A 79 -3.23 11.71 -18.94
N ASP A 80 -4.18 12.55 -19.33
CA ASP A 80 -4.97 12.34 -20.56
C ASP A 80 -5.70 11.01 -20.51
N LEU A 81 -6.18 10.66 -19.32
CA LEU A 81 -7.06 9.52 -19.14
C LEU A 81 -8.47 9.86 -19.61
N THR A 82 -9.09 8.94 -20.33
CA THR A 82 -10.50 9.06 -20.68
C THR A 82 -11.32 8.30 -19.65
N LEU A 83 -12.13 9.02 -18.88
CA LEU A 83 -12.93 8.41 -17.83
C LEU A 83 -14.32 9.01 -17.85
N PHE A 84 -15.34 8.16 -17.84
CA PHE A 84 -16.73 8.59 -17.90
C PHE A 84 -16.96 9.50 -19.11
N GLY A 85 -16.26 9.23 -20.21
CA GLY A 85 -16.45 9.97 -21.44
C GLY A 85 -15.77 11.31 -21.51
N ARG A 86 -15.03 11.71 -20.48
CA ARG A 86 -14.26 12.95 -20.48
C ARG A 86 -12.78 12.63 -20.39
N ARG A 87 -11.96 13.49 -20.99
CA ARG A 87 -10.52 13.39 -20.82
C ARG A 87 -10.08 14.24 -19.64
N GLY A 88 -9.12 13.73 -18.89
CA GLY A 88 -8.61 14.48 -17.76
C GLY A 88 -7.41 13.80 -17.16
N ASN A 89 -6.95 14.37 -16.04
CA ASN A 89 -5.82 13.83 -15.29
C ASN A 89 -6.30 13.23 -13.99
N LEU A 90 -5.77 12.05 -13.66
CA LEU A 90 -6.13 11.37 -12.43
C LEU A 90 -5.05 11.64 -11.40
N HIS A 91 -5.43 12.33 -10.32
CA HIS A 91 -4.49 12.73 -9.28
C HIS A 91 -4.65 11.86 -8.05
N PHE A 92 -3.56 11.74 -7.29
CA PHE A 92 -3.49 10.86 -6.12
C PHE A 92 -2.98 11.64 -4.91
N ILE A 93 -3.79 11.68 -3.85
CA ILE A 93 -3.56 12.53 -2.69
C ILE A 93 -3.74 11.68 -1.43
N ARG A 94 -2.95 11.97 -0.39
CA ARG A 94 -3.03 11.22 0.85
C ARG A 94 -2.86 12.15 2.05
N PHE A 95 -3.45 11.75 3.19
CA PHE A 95 -3.24 12.44 4.44
C PHE A 95 -3.65 11.52 5.58
N PRO A 96 -3.21 11.80 6.81
CA PRO A 96 -3.53 10.88 7.91
C PRO A 96 -5.01 10.92 8.25
N THR A 97 -5.56 9.73 8.51
CA THR A 97 -6.94 9.63 8.96
C THR A 97 -7.16 10.45 10.21
N GLN A 98 -6.14 10.56 11.06
CA GLN A 98 -6.19 11.43 12.22
C GLN A 98 -6.57 12.87 11.87
N ASP A 99 -6.29 13.32 10.64
CA ASP A 99 -6.59 14.68 10.24
C ASP A 99 -7.88 14.81 9.44
N LEU A 100 -8.67 13.75 9.34
CA LEU A 100 -9.94 13.85 8.62
C LEU A 100 -10.87 14.94 9.16
N PRO A 101 -10.98 15.18 10.48
CA PRO A 101 -11.80 16.31 10.94
C PRO A 101 -11.43 17.63 10.30
N THR A 102 -10.12 17.90 10.13
CA THR A 102 -9.71 19.11 9.42
C THR A 102 -10.22 19.11 7.99
N PHE A 103 -10.09 17.97 7.30
CA PHE A 103 -10.60 17.86 5.93
C PHE A 103 -12.09 18.16 5.88
N ILE A 104 -12.87 17.59 6.82
CA ILE A 104 -14.31 17.79 6.82
C ILE A 104 -14.65 19.23 7.18
N GLN A 105 -13.93 19.82 8.14
CA GLN A 105 -14.16 21.22 8.49
C GLN A 105 -13.88 22.14 7.30
N MET A 106 -12.78 21.91 6.58
CA MET A 106 -12.55 22.66 5.35
C MET A 106 -13.69 22.46 4.37
N GLY A 107 -14.26 21.25 4.32
CA GLY A 107 -15.36 20.97 3.42
C GLY A 107 -16.66 21.65 3.78
N ARG A 108 -16.84 22.05 5.04
CA ARG A 108 -18.06 22.74 5.44
C ARG A 108 -18.00 24.25 5.21
N ASP A 109 -16.84 24.79 4.87
CA ASP A 109 -16.73 26.22 4.59
C ASP A 109 -16.33 26.48 3.14
N THR A 117 -22.24 17.14 -5.12
CA THR A 117 -21.54 16.69 -3.93
C THR A 117 -21.81 15.21 -3.62
N VAL A 118 -21.35 14.30 -4.48
CA VAL A 118 -21.53 12.87 -4.29
C VAL A 118 -20.18 12.24 -4.05
N LEU A 119 -20.03 11.58 -2.90
CA LEU A 119 -18.75 11.01 -2.49
C LEU A 119 -18.86 9.51 -2.36
N CYS A 120 -18.16 8.80 -3.23
CA CYS A 120 -17.98 7.37 -3.09
C CYS A 120 -16.80 7.15 -2.16
N ALA A 121 -17.04 6.47 -1.05
CA ALA A 121 -16.05 6.31 0.01
C ALA A 121 -15.98 4.84 0.40
N THR A 122 -14.77 4.38 0.69
CA THR A 122 -14.56 3.00 1.09
C THR A 122 -13.59 3.00 2.24
N GLY A 123 -13.13 1.82 2.63
CA GLY A 123 -12.36 1.66 3.84
C GLY A 123 -13.24 1.71 5.08
N GLY A 124 -12.66 1.31 6.21
CA GLY A 124 -13.41 1.33 7.45
C GLY A 124 -13.98 2.69 7.80
N GLY A 125 -13.23 3.76 7.47
CA GLY A 125 -13.67 5.09 7.86
C GLY A 125 -14.93 5.55 7.14
N ALA A 126 -15.25 4.97 6.00
CA ALA A 126 -16.51 5.29 5.34
C ALA A 126 -17.68 4.96 6.25
N TYR A 127 -17.55 3.93 7.08
CA TYR A 127 -18.60 3.60 8.04
C TYR A 127 -18.43 4.39 9.35
N LYS A 128 -17.22 4.37 9.91
CA LYS A 128 -16.98 5.01 11.20
C LYS A 128 -17.27 6.50 11.15
N PHE A 129 -16.91 7.17 10.05
CA PHE A 129 -17.11 8.61 9.95
C PHE A 129 -18.29 8.98 9.06
N GLU A 130 -19.20 8.04 8.81
CA GLU A 130 -20.39 8.32 8.01
C GLU A 130 -21.11 9.58 8.48
N LYS A 131 -21.38 9.65 9.79
CA LYS A 131 -22.15 10.77 10.34
C LYS A 131 -21.41 12.10 10.17
N ASP A 132 -20.08 12.07 10.23
CA ASP A 132 -19.30 13.28 10.07
C ASP A 132 -19.39 13.82 8.65
N PHE A 133 -19.26 12.94 7.66
CA PHE A 133 -19.41 13.36 6.27
C PHE A 133 -20.78 13.98 6.03
N ARG A 134 -21.80 13.51 6.73
CA ARG A 134 -23.13 14.05 6.51
C ARG A 134 -23.33 15.41 7.16
N THR A 135 -22.37 15.92 7.93
CA THR A 135 -22.43 17.31 8.38
C THR A 135 -22.23 18.29 7.24
N ILE A 136 -21.63 17.84 6.13
CA ILE A 136 -21.52 18.65 4.92
C ILE A 136 -22.90 18.65 4.26
N GLY A 137 -23.57 19.80 4.27
CA GLY A 137 -24.89 19.92 3.70
C GLY A 137 -25.01 19.35 2.30
N ASN A 138 -26.07 18.59 2.08
CA ASN A 138 -26.47 18.02 0.79
C ASN A 138 -25.44 17.03 0.22
N LEU A 139 -24.43 16.63 0.99
CA LEU A 139 -23.46 15.65 0.50
C LEU A 139 -24.08 14.26 0.50
N HIS A 140 -23.92 13.55 -0.61
CA HIS A 140 -24.44 12.19 -0.76
C HIS A 140 -23.27 11.21 -0.58
N LEU A 141 -23.30 10.47 0.52
CA LEU A 141 -22.24 9.54 0.87
C LEU A 141 -22.63 8.13 0.46
N HIS A 142 -21.83 7.51 -0.40
CA HIS A 142 -22.09 6.16 -0.87
C HIS A 142 -20.95 5.26 -0.44
N LYS A 143 -21.23 4.37 0.51
CA LYS A 143 -20.22 3.48 1.05
C LYS A 143 -20.04 2.26 0.15
N LEU A 144 -18.79 1.92 -0.12
CA LEU A 144 -18.43 0.77 -0.94
C LEU A 144 -17.44 -0.09 -0.17
N ASP A 145 -17.40 -1.38 -0.50
CA ASP A 145 -16.54 -2.29 0.26
C ASP A 145 -15.07 -2.11 -0.09
N GLU A 146 -14.21 -2.17 0.94
CA GLU A 146 -12.82 -1.81 0.78
C GLU A 146 -12.06 -2.78 -0.11
N LEU A 147 -12.47 -4.05 -0.12
CA LEU A 147 -11.78 -5.02 -0.95
C LEU A 147 -12.38 -5.12 -2.36
N ASP A 148 -13.69 -4.97 -2.52
CA ASP A 148 -14.26 -4.77 -3.86
C ASP A 148 -13.56 -3.61 -4.58
N CYS A 149 -13.42 -2.48 -3.89
CA CYS A 149 -12.79 -1.29 -4.46
C CYS A 149 -11.33 -1.54 -4.80
N LEU A 150 -10.62 -2.29 -3.93
CA LEU A 150 -9.22 -2.61 -4.20
C LEU A 150 -9.09 -3.40 -5.50
N VAL A 151 -9.89 -4.45 -5.66
CA VAL A 151 -9.81 -5.28 -6.85
C VAL A 151 -10.14 -4.48 -8.11
N LYS A 152 -11.27 -3.76 -8.08
CA LYS A 152 -11.66 -3.00 -9.26
C LYS A 152 -10.61 -1.94 -9.60
N GLY A 153 -10.10 -1.23 -8.59
CA GLY A 153 -9.09 -0.20 -8.84
C GLY A 153 -7.79 -0.76 -9.40
N LEU A 154 -7.30 -1.86 -8.81
CA LEU A 154 -6.08 -2.50 -9.29
C LEU A 154 -6.23 -2.95 -10.74
N LEU A 155 -7.34 -3.61 -11.06
CA LEU A 155 -7.53 -4.04 -12.44
C LEU A 155 -7.64 -2.85 -13.39
N TYR A 156 -8.23 -1.74 -12.94
CA TYR A 156 -8.39 -0.60 -13.83
C TYR A 156 -7.04 0.05 -14.15
N ILE A 157 -6.26 0.38 -13.12
CA ILE A 157 -4.98 1.04 -13.34
C ILE A 157 -4.08 0.19 -14.22
N ASP A 158 -3.95 -1.10 -13.90
CA ASP A 158 -3.14 -1.96 -14.76
C ASP A 158 -3.67 -1.96 -16.20
N SER A 159 -4.99 -1.86 -16.37
CA SER A 159 -5.54 -1.93 -17.72
C SER A 159 -5.24 -0.67 -18.52
N VAL A 160 -5.20 0.49 -17.86
CA VAL A 160 -4.95 1.74 -18.60
C VAL A 160 -3.47 2.09 -18.68
N SER A 161 -2.61 1.37 -17.96
CA SER A 161 -1.16 1.56 -17.91
C SER A 161 -0.79 2.79 -17.09
N PHE A 162 0.49 2.89 -16.74
CA PHE A 162 1.05 4.04 -16.03
C PHE A 162 1.66 4.98 -17.08
N ASN A 163 0.79 5.74 -17.74
CA ASN A 163 1.18 6.67 -18.81
C ASN A 163 2.00 5.95 -19.88
N GLY A 164 1.57 4.74 -20.23
CA GLY A 164 2.22 3.94 -21.25
C GLY A 164 3.20 2.91 -20.71
N GLN A 165 3.63 3.08 -19.46
CA GLN A 165 4.55 2.15 -18.80
C GLN A 165 3.77 1.11 -17.99
N ALA A 166 4.44 -0.01 -17.73
CA ALA A 166 3.82 -1.06 -16.95
C ALA A 166 3.44 -0.56 -15.57
N GLU A 167 2.21 -0.85 -15.15
CA GLU A 167 1.84 -0.58 -13.77
C GLU A 167 2.48 -1.60 -12.84
N CYS A 168 2.71 -2.83 -13.33
CA CYS A 168 3.18 -3.94 -12.51
C CYS A 168 4.65 -4.20 -12.80
N TYR A 169 5.40 -4.57 -11.76
CA TYR A 169 6.82 -4.84 -11.90
C TYR A 169 7.25 -5.88 -10.86
N TYR A 170 8.44 -6.44 -11.08
CA TYR A 170 9.05 -7.40 -10.16
C TYR A 170 10.55 -7.16 -10.11
N PHE A 171 11.23 -7.82 -9.19
CA PHE A 171 12.68 -7.73 -9.09
C PHE A 171 13.30 -8.98 -9.72
N ALA A 172 13.84 -8.81 -10.91
CA ALA A 172 14.44 -9.92 -11.64
C ALA A 172 15.68 -10.42 -10.92
N ASN A 173 15.90 -11.74 -10.98
CA ASN A 173 17.06 -12.38 -10.39
C ASN A 173 17.23 -11.93 -8.93
N ALA A 174 16.12 -11.97 -8.19
CA ALA A 174 16.09 -11.45 -6.83
C ALA A 174 16.98 -12.24 -5.87
N SER A 175 17.50 -13.40 -6.28
CA SER A 175 18.41 -14.15 -5.43
C SER A 175 19.85 -13.64 -5.51
N GLU A 176 20.23 -12.96 -6.59
CA GLU A 176 21.59 -12.47 -6.77
C GLU A 176 21.61 -10.95 -6.71
N PRO A 177 22.26 -10.35 -5.70
CA PRO A 177 22.16 -8.88 -5.56
C PRO A 177 22.84 -8.11 -6.67
N GLU A 178 23.86 -8.69 -7.31
CA GLU A 178 24.52 -8.02 -8.43
C GLU A 178 23.60 -7.90 -9.64
N ARG A 179 22.54 -8.70 -9.70
CA ARG A 179 21.63 -8.73 -10.84
C ARG A 179 20.23 -8.22 -10.52
N CYS A 180 19.90 -8.04 -9.23
CA CYS A 180 18.55 -7.73 -8.78
C CYS A 180 18.14 -6.33 -9.24
N GLN A 181 17.23 -6.27 -10.20
CA GLN A 181 16.81 -5.01 -10.79
C GLN A 181 15.31 -5.02 -11.07
N LYS A 182 14.70 -3.85 -10.95
CA LYS A 182 13.29 -3.66 -11.30
C LYS A 182 13.05 -3.91 -12.79
N MET A 183 12.03 -4.72 -13.11
CA MET A 183 11.65 -5.10 -14.46
C MET A 183 10.13 -5.14 -14.56
N PRO A 184 9.57 -4.83 -15.74
CA PRO A 184 8.11 -4.79 -15.88
C PRO A 184 7.51 -6.18 -15.97
N PHE A 185 6.25 -6.28 -15.52
CA PHE A 185 5.52 -7.54 -15.54
C PHE A 185 4.15 -7.32 -16.17
N ASN A 186 3.80 -8.18 -17.13
CA ASN A 186 2.55 -8.04 -17.86
C ASN A 186 1.43 -8.77 -17.12
N LEU A 187 0.34 -8.06 -16.84
CA LEU A 187 -0.84 -8.62 -16.17
C LEU A 187 -2.07 -8.54 -17.07
N ASP A 188 -1.90 -8.75 -18.37
CA ASP A 188 -3.06 -8.64 -19.30
C ASP A 188 -4.05 -9.76 -18.96
N ASP A 189 -3.55 -10.97 -18.67
CA ASP A 189 -4.46 -12.03 -18.16
C ASP A 189 -4.23 -11.99 -16.66
N PRO A 190 -5.02 -11.26 -15.86
CA PRO A 190 -4.66 -11.06 -14.45
C PRO A 190 -4.96 -12.25 -13.57
N TYR A 191 -5.65 -13.27 -14.06
CA TYR A 191 -6.17 -14.26 -13.14
C TYR A 191 -5.51 -15.62 -13.33
N PRO A 192 -5.36 -16.40 -12.25
CA PRO A 192 -5.70 -15.98 -10.89
C PRO A 192 -4.61 -15.11 -10.27
N LEU A 193 -4.92 -14.40 -9.19
CA LEU A 193 -3.97 -13.51 -8.56
C LEU A 193 -4.16 -13.55 -7.05
N LEU A 194 -3.05 -13.59 -6.31
CA LEU A 194 -3.08 -13.37 -4.86
C LEU A 194 -2.67 -11.93 -4.57
N VAL A 195 -3.56 -11.19 -3.92
CA VAL A 195 -3.30 -9.80 -3.58
C VAL A 195 -3.08 -9.72 -2.08
N VAL A 196 -1.93 -9.20 -1.68
CA VAL A 196 -1.55 -9.04 -0.29
C VAL A 196 -1.56 -7.54 0.01
N ASN A 197 -2.57 -7.11 0.77
CA ASN A 197 -2.81 -5.70 1.03
C ASN A 197 -2.24 -5.35 2.40
N ILE A 198 -1.06 -4.72 2.40
CA ILE A 198 -0.32 -4.44 3.63
C ILE A 198 -0.61 -2.99 4.01
N GLY A 199 -1.63 -2.80 4.86
CA GLY A 199 -1.93 -1.48 5.39
C GLY A 199 -1.68 -1.44 6.89
N SER A 200 -2.64 -0.93 7.67
CA SER A 200 -2.51 -1.00 9.13
C SER A 200 -2.32 -2.46 9.54
N GLY A 201 -3.22 -3.34 9.11
CA GLY A 201 -3.02 -4.76 9.12
C GLY A 201 -2.81 -5.32 7.72
N VAL A 202 -3.03 -6.61 7.57
CA VAL A 202 -2.81 -7.26 6.28
C VAL A 202 -4.07 -8.03 5.90
N SER A 203 -4.59 -7.78 4.70
CA SER A 203 -5.62 -8.62 4.10
C SER A 203 -5.01 -9.40 2.94
N ILE A 204 -5.39 -10.66 2.80
CA ILE A 204 -4.93 -11.47 1.68
C ILE A 204 -6.13 -11.94 0.87
N LEU A 205 -6.11 -11.64 -0.42
CA LEU A 205 -7.19 -11.89 -1.35
C LEU A 205 -6.76 -12.87 -2.42
N ALA A 206 -7.68 -13.75 -2.80
CA ALA A 206 -7.52 -14.62 -3.95
C ALA A 206 -8.52 -14.16 -5.01
N VAL A 207 -8.00 -13.67 -6.13
CA VAL A 207 -8.82 -13.12 -7.20
C VAL A 207 -8.86 -14.14 -8.32
N HIS A 208 -10.05 -14.68 -8.59
CA HIS A 208 -10.23 -15.67 -9.64
C HIS A 208 -10.81 -15.09 -10.92
N SER A 209 -11.63 -14.05 -10.83
CA SER A 209 -12.14 -13.34 -11.99
C SER A 209 -12.51 -11.93 -11.55
N LYS A 210 -12.99 -11.13 -12.50
CA LYS A 210 -13.32 -9.73 -12.20
C LYS A 210 -14.45 -9.58 -11.19
N ASP A 211 -15.28 -10.61 -11.03
CA ASP A 211 -16.38 -10.59 -10.07
C ASP A 211 -16.32 -11.79 -9.12
N ASN A 212 -15.16 -12.45 -9.01
CA ASN A 212 -15.02 -13.64 -8.17
C ASN A 212 -13.71 -13.54 -7.41
N TYR A 213 -13.79 -13.18 -6.13
CA TYR A 213 -12.60 -13.13 -5.29
C TYR A 213 -13.04 -13.34 -3.85
N LYS A 214 -12.12 -13.87 -3.05
CA LYS A 214 -12.37 -14.10 -1.64
C LYS A 214 -11.20 -13.54 -0.83
N ARG A 215 -11.50 -13.11 0.39
CA ARG A 215 -10.46 -12.79 1.37
C ARG A 215 -10.03 -14.10 2.01
N VAL A 216 -8.86 -14.62 1.60
CA VAL A 216 -8.43 -15.92 2.10
C VAL A 216 -8.20 -15.85 3.61
N THR A 217 -7.54 -14.81 4.07
CA THR A 217 -7.28 -14.61 5.49
C THR A 217 -6.69 -13.20 5.64
N GLY A 218 -6.17 -12.92 6.83
CA GLY A 218 -5.43 -11.70 7.08
C GLY A 218 -4.49 -11.96 8.23
N THR A 219 -3.62 -11.00 8.49
CA THR A 219 -2.81 -11.01 9.70
C THR A 219 -2.82 -9.63 10.31
N SER A 220 -2.72 -9.57 11.63
CA SER A 220 -2.66 -8.28 12.31
C SER A 220 -1.24 -7.75 12.43
N LEU A 221 -0.24 -8.45 11.89
CA LEU A 221 1.14 -7.98 11.90
C LEU A 221 1.41 -7.27 10.58
N GLY A 222 1.08 -5.98 10.52
CA GLY A 222 1.16 -5.24 9.28
C GLY A 222 1.94 -3.96 9.44
N GLY A 223 1.60 -2.99 8.58
CA GLY A 223 2.31 -1.72 8.62
C GLY A 223 2.20 -0.99 9.95
N GLY A 224 1.04 -1.09 10.62
CA GLY A 224 0.92 -0.43 11.91
C GLY A 224 1.79 -1.06 12.98
N THR A 225 2.01 -2.37 12.88
CA THR A 225 2.92 -3.06 13.82
C THR A 225 4.35 -2.58 13.63
N PHE A 226 4.79 -2.46 12.37
CA PHE A 226 6.12 -1.93 12.13
C PHE A 226 6.29 -0.58 12.78
N LEU A 227 5.36 0.35 12.50
CA LEU A 227 5.53 1.73 12.97
C LEU A 227 5.30 1.83 14.48
N GLY A 228 4.32 1.09 15.01
CA GLY A 228 4.06 1.14 16.44
C GLY A 228 5.20 0.57 17.26
N LEU A 229 5.69 -0.62 16.90
CA LEU A 229 6.82 -1.19 17.63
C LEU A 229 8.07 -0.35 17.48
N CYS A 230 8.34 0.12 16.26
CA CYS A 230 9.48 1.00 16.03
C CYS A 230 9.44 2.21 16.94
N SER A 231 8.28 2.84 17.06
CA SER A 231 8.18 4.03 17.90
C SER A 231 8.42 3.67 19.36
N LEU A 232 7.89 2.54 19.81
CA LEU A 232 8.15 2.10 21.19
C LEU A 232 9.61 1.77 21.39
N LEU A 233 10.24 1.10 20.42
CA LEU A 233 11.60 0.61 20.60
C LEU A 233 12.64 1.68 20.35
N THR A 234 12.39 2.58 19.39
CA THR A 234 13.42 3.53 18.97
C THR A 234 13.06 4.99 19.19
N GLY A 235 11.79 5.30 19.47
CA GLY A 235 11.39 6.68 19.61
C GLY A 235 11.26 7.43 18.30
N CYS A 236 11.42 6.75 17.17
CA CYS A 236 11.17 7.37 15.87
C CYS A 236 9.76 7.94 15.83
N GLU A 237 9.57 9.02 15.08
CA GLU A 237 8.25 9.63 15.03
C GLU A 237 7.79 9.91 13.61
N SER A 238 8.29 9.16 12.63
CA SER A 238 7.67 9.14 11.32
C SER A 238 7.96 7.79 10.68
N PHE A 239 7.05 7.38 9.78
CA PHE A 239 7.30 6.19 8.96
C PHE A 239 8.63 6.30 8.24
N GLU A 240 8.91 7.44 7.63
CA GLU A 240 10.14 7.59 6.85
C GLU A 240 11.39 7.57 7.73
N GLU A 241 11.30 8.12 8.95
CA GLU A 241 12.44 8.04 9.86
C GLU A 241 12.69 6.61 10.31
N ALA A 242 11.60 5.84 10.50
CA ALA A 242 11.74 4.44 10.85
C ALA A 242 12.49 3.68 9.76
N LEU A 243 12.15 3.93 8.50
CA LEU A 243 12.85 3.27 7.40
C LEU A 243 14.30 3.69 7.33
N GLU A 244 14.58 4.98 7.56
CA GLU A 244 15.97 5.45 7.52
C GLU A 244 16.80 4.81 8.63
N MET A 245 16.24 4.70 9.85
CA MET A 245 16.92 3.96 10.91
C MET A 245 17.15 2.52 10.51
N ALA A 246 16.12 1.86 9.96
CA ALA A 246 16.25 0.46 9.59
C ALA A 246 17.32 0.25 8.54
N SER A 247 17.48 1.20 7.62
CA SER A 247 18.50 1.05 6.59
C SER A 247 19.89 1.08 7.16
N LYS A 248 20.07 1.66 8.34
CA LYS A 248 21.37 1.74 8.98
C LYS A 248 21.61 0.63 9.98
N GLY A 249 20.62 -0.23 10.23
CA GLY A 249 20.71 -1.24 11.27
C GLY A 249 21.19 -2.60 10.78
N ASP A 250 21.47 -3.47 11.75
CA ASP A 250 21.81 -4.86 11.48
C ASP A 250 20.85 -5.70 12.32
N SER A 251 19.83 -6.29 11.68
CA SER A 251 18.81 -7.04 12.42
C SER A 251 19.38 -8.25 13.15
N THR A 252 20.55 -8.77 12.73
CA THR A 252 21.09 -9.95 13.40
C THR A 252 21.60 -9.65 14.79
N GLN A 253 21.77 -8.37 15.14
CA GLN A 253 22.09 -8.02 16.52
C GLN A 253 20.94 -8.34 17.47
N ALA A 254 19.70 -8.31 16.98
CA ALA A 254 18.54 -8.59 17.81
C ALA A 254 17.97 -10.00 17.62
N ASP A 255 18.05 -10.54 16.41
CA ASP A 255 17.45 -11.82 16.05
C ASP A 255 18.40 -12.96 16.38
N LYS A 256 17.81 -14.11 16.75
CA LYS A 256 18.57 -15.34 16.94
C LYS A 256 18.47 -16.15 15.65
N LEU A 257 19.63 -16.46 15.05
CA LEU A 257 19.67 -17.13 13.76
C LEU A 257 19.82 -18.64 13.95
N VAL A 258 19.52 -19.38 12.87
CA VAL A 258 19.73 -20.83 12.91
C VAL A 258 21.16 -21.16 13.33
N ARG A 259 22.14 -20.45 12.77
CA ARG A 259 23.51 -20.76 13.14
C ARG A 259 23.83 -20.41 14.59
N ASP A 260 23.06 -19.54 15.23
CA ASP A 260 23.24 -19.34 16.66
C ASP A 260 22.79 -20.56 17.47
N ILE A 261 21.90 -21.38 16.91
CA ILE A 261 21.35 -22.54 17.61
C ILE A 261 22.07 -23.82 17.23
N TYR A 262 22.37 -23.98 15.93
CA TYR A 262 22.98 -25.19 15.41
C TYR A 262 24.47 -25.08 15.18
N GLY A 263 25.03 -23.86 15.14
CA GLY A 263 26.42 -23.66 14.74
C GLY A 263 26.64 -23.66 13.23
N GLY A 264 25.57 -23.62 12.44
CA GLY A 264 25.66 -23.74 11.00
C GLY A 264 24.27 -23.94 10.44
N ASP A 265 24.20 -24.50 9.23
CA ASP A 265 22.89 -24.87 8.68
C ASP A 265 22.22 -25.97 9.52
N TYR A 266 20.89 -26.01 9.45
CA TYR A 266 20.11 -27.17 9.86
C TYR A 266 19.77 -27.92 8.57
N GLU A 267 20.65 -28.85 8.19
CA GLU A 267 20.62 -29.41 6.83
C GLU A 267 19.43 -30.32 6.63
N ARG A 268 19.07 -31.11 7.66
CA ARG A 268 18.02 -32.11 7.50
C ARG A 268 16.71 -31.50 6.99
N PHE A 269 16.43 -30.24 7.33
CA PHE A 269 15.22 -29.58 6.85
C PHE A 269 15.54 -28.35 6.01
N GLY A 270 16.75 -28.28 5.45
CA GLY A 270 17.09 -27.23 4.52
C GLY A 270 16.96 -25.82 5.07
N LEU A 271 17.30 -25.62 6.34
CA LEU A 271 17.27 -24.27 6.90
C LEU A 271 18.68 -23.71 6.87
N PRO A 272 18.95 -22.64 6.14
CA PRO A 272 20.32 -22.12 6.07
C PRO A 272 20.67 -21.45 7.39
N GLY A 273 21.98 -21.42 7.68
CA GLY A 273 22.45 -20.86 8.93
C GLY A 273 22.02 -19.42 9.13
N TRP A 274 21.77 -18.69 8.04
CA TRP A 274 21.40 -17.28 8.13
C TRP A 274 19.93 -17.06 8.41
N ALA A 275 19.07 -18.07 8.24
CA ALA A 275 17.66 -17.84 8.48
C ALA A 275 17.43 -17.45 9.94
N VAL A 276 16.41 -16.63 10.15
CA VAL A 276 16.04 -16.21 11.50
C VAL A 276 15.30 -17.36 12.19
N ALA A 277 15.87 -17.87 13.30
CA ALA A 277 15.13 -18.85 14.10
C ALA A 277 14.16 -18.17 15.07
N SER A 278 14.54 -17.03 15.62
CA SER A 278 13.71 -16.39 16.64
C SER A 278 13.87 -14.88 16.53
N SER A 279 12.82 -14.20 16.04
CA SER A 279 12.87 -12.76 15.89
C SER A 279 12.97 -12.11 17.26
N PHE A 280 13.88 -11.15 17.41
CA PHE A 280 14.20 -10.52 18.68
C PHE A 280 14.68 -11.53 19.73
N GLY A 281 15.02 -12.75 19.30
CA GLY A 281 15.34 -13.82 20.23
C GLY A 281 16.63 -13.62 20.99
N ASN A 282 17.55 -12.78 20.48
CA ASN A 282 18.75 -12.52 21.25
C ASN A 282 18.54 -11.46 22.33
N MET A 283 17.37 -10.82 22.34
CA MET A 283 17.05 -9.83 23.35
C MET A 283 16.64 -10.44 24.68
N ILE A 284 16.58 -11.76 24.78
CA ILE A 284 16.40 -12.38 26.09
C ILE A 284 17.63 -12.25 26.95
N TYR A 285 18.79 -11.92 26.36
CA TYR A 285 20.03 -11.79 27.11
C TYR A 285 20.26 -10.31 27.41
N LYS A 286 20.41 -10.00 28.70
CA LYS A 286 20.53 -8.61 29.13
C LYS A 286 21.71 -7.92 28.46
N GLU A 287 22.87 -8.60 28.40
CA GLU A 287 24.04 -8.00 27.79
C GLU A 287 23.80 -7.65 26.32
N LYS A 288 23.00 -8.45 25.61
CA LYS A 288 22.70 -8.13 24.22
C LYS A 288 21.73 -6.97 24.11
N ARG A 289 20.73 -6.89 25.01
CA ARG A 289 19.87 -5.72 25.03
C ARG A 289 20.66 -4.45 25.31
N GLU A 290 21.72 -4.53 26.10
CA GLU A 290 22.48 -3.33 26.43
C GLU A 290 23.36 -2.85 25.30
N SER A 291 23.65 -3.70 24.31
CA SER A 291 24.54 -3.29 23.22
C SER A 291 23.82 -3.08 21.89
N VAL A 292 22.55 -3.49 21.77
CA VAL A 292 21.85 -3.30 20.51
C VAL A 292 21.58 -1.82 20.30
N SER A 293 21.63 -1.37 19.05
CA SER A 293 21.35 0.02 18.72
C SER A 293 19.90 0.17 18.30
N LYS A 294 19.42 1.42 18.33
CA LYS A 294 18.05 1.66 17.88
C LYS A 294 17.91 1.36 16.39
N GLU A 295 18.96 1.58 15.60
CA GLU A 295 18.90 1.23 14.19
C GLU A 295 18.78 -0.28 14.00
N ASP A 296 19.50 -1.07 14.81
CA ASP A 296 19.35 -2.53 14.75
C ASP A 296 17.90 -2.93 15.08
N LEU A 297 17.30 -2.30 16.09
CA LEU A 297 15.94 -2.68 16.44
C LEU A 297 14.94 -2.29 15.35
N ALA A 298 15.16 -1.15 14.69
CA ALA A 298 14.29 -0.77 13.58
C ALA A 298 14.40 -1.81 12.46
N ARG A 299 15.62 -2.19 12.10
CA ARG A 299 15.79 -3.18 11.04
C ARG A 299 15.20 -4.52 11.44
N ALA A 300 15.40 -4.94 12.70
CA ALA A 300 14.82 -6.21 13.12
C ALA A 300 13.29 -6.15 13.10
N THR A 301 12.70 -5.00 13.43
CA THR A 301 11.25 -4.88 13.34
C THR A 301 10.79 -5.01 11.88
N LEU A 302 11.46 -4.30 10.98
CA LEU A 302 11.09 -4.35 9.56
C LEU A 302 11.21 -5.77 9.03
N VAL A 303 12.35 -6.41 9.30
CA VAL A 303 12.59 -7.78 8.82
C VAL A 303 11.57 -8.74 9.40
N THR A 304 11.32 -8.67 10.71
CA THR A 304 10.32 -9.55 11.34
C THR A 304 8.96 -9.42 10.65
N ILE A 305 8.46 -8.19 10.51
CA ILE A 305 7.14 -7.99 9.89
C ILE A 305 7.14 -8.47 8.45
N THR A 306 8.20 -8.16 7.71
CA THR A 306 8.18 -8.43 6.28
C THR A 306 8.24 -9.93 6.01
N ASN A 307 9.16 -10.65 6.69
CA ASN A 307 9.23 -12.09 6.56
C ASN A 307 7.91 -12.76 6.92
N ASN A 308 7.27 -12.32 8.00
CA ASN A 308 6.02 -12.98 8.40
C ASN A 308 4.94 -12.79 7.34
N ILE A 309 4.85 -11.59 6.75
CA ILE A 309 3.92 -11.36 5.66
C ILE A 309 4.26 -12.26 4.47
N GLY A 310 5.54 -12.31 4.11
CA GLY A 310 5.96 -13.18 3.02
C GLY A 310 5.60 -14.63 3.27
N SER A 311 5.87 -15.12 4.50
CA SER A 311 5.55 -16.51 4.82
C SER A 311 4.05 -16.76 4.73
N VAL A 312 3.24 -15.88 5.30
CA VAL A 312 1.78 -16.07 5.22
C VAL A 312 1.33 -16.00 3.75
N ALA A 313 1.89 -15.08 2.98
CA ALA A 313 1.55 -15.01 1.56
C ALA A 313 1.92 -16.31 0.85
N ARG A 314 3.07 -16.89 1.19
CA ARG A 314 3.48 -18.13 0.51
C ARG A 314 2.55 -19.27 0.85
N MET A 315 2.13 -19.39 2.11
CA MET A 315 1.22 -20.46 2.49
C MET A 315 -0.12 -20.33 1.79
N CYS A 316 -0.65 -19.10 1.71
CA CYS A 316 -1.92 -18.89 1.03
C CYS A 316 -1.81 -19.20 -0.45
N ALA A 317 -0.71 -18.76 -1.08
CA ALA A 317 -0.48 -19.06 -2.48
C ALA A 317 -0.48 -20.56 -2.73
N VAL A 318 0.26 -21.32 -1.92
CA VAL A 318 0.33 -22.77 -2.13
C VAL A 318 -1.06 -23.39 -1.99
N ASN A 319 -1.83 -22.94 -1.01
CA ASN A 319 -3.15 -23.53 -0.79
C ASN A 319 -4.17 -23.09 -1.84
N GLU A 320 -4.12 -21.83 -2.26
CA GLU A 320 -5.03 -21.38 -3.30
C GLU A 320 -4.57 -21.80 -4.70
N LYS A 321 -3.40 -22.41 -4.80
CA LYS A 321 -2.84 -22.85 -6.09
C LYS A 321 -2.62 -21.66 -7.02
N ILE A 322 -2.03 -20.60 -6.50
CA ILE A 322 -1.76 -19.37 -7.25
C ILE A 322 -0.28 -19.08 -7.16
N ASN A 323 0.35 -18.74 -8.29
CA ASN A 323 1.80 -18.50 -8.24
C ASN A 323 2.19 -17.05 -8.50
N ARG A 324 1.23 -16.16 -8.71
CA ARG A 324 1.49 -14.73 -8.84
C ARG A 324 0.96 -14.02 -7.59
N VAL A 325 1.87 -13.42 -6.83
CA VAL A 325 1.53 -12.77 -5.57
C VAL A 325 1.89 -11.29 -5.70
N VAL A 326 0.88 -10.42 -5.67
CA VAL A 326 1.10 -8.99 -5.79
C VAL A 326 0.91 -8.35 -4.42
N PHE A 327 1.90 -7.55 -4.01
CA PHE A 327 1.91 -6.88 -2.72
C PHE A 327 1.58 -5.41 -2.92
N VAL A 328 0.56 -4.91 -2.22
CA VAL A 328 0.14 -3.51 -2.29
C VAL A 328 -0.05 -2.98 -0.87
N GLY A 329 -0.50 -1.73 -0.80
CA GLY A 329 -0.68 -1.04 0.46
C GLY A 329 0.53 -0.17 0.79
N ASN A 330 0.33 0.76 1.72
CA ASN A 330 1.32 1.82 1.89
C ASN A 330 2.48 1.44 2.80
N PHE A 331 2.45 0.23 3.40
CA PHE A 331 3.65 -0.23 4.08
C PHE A 331 4.84 -0.28 3.15
N LEU A 332 4.60 -0.46 1.84
CA LEU A 332 5.66 -0.59 0.86
C LEU A 332 6.01 0.71 0.14
N ARG A 333 5.30 1.81 0.34
CA ARG A 333 5.73 3.04 -0.32
C ARG A 333 7.06 3.50 0.26
N VAL A 334 7.89 4.07 -0.61
CA VAL A 334 9.30 4.45 -0.41
C VAL A 334 10.02 3.43 0.46
N ASN A 335 9.65 2.16 0.33
CA ASN A 335 10.16 1.09 1.17
C ASN A 335 10.78 0.01 0.29
N THR A 336 11.93 0.30 -0.33
CA THR A 336 12.57 -0.69 -1.19
C THR A 336 13.16 -1.85 -0.40
N LEU A 337 13.58 -1.60 0.84
CA LEU A 337 14.12 -2.68 1.67
C LEU A 337 13.10 -3.81 1.81
N SER A 338 11.87 -3.46 2.19
CA SER A 338 10.85 -4.50 2.34
C SER A 338 10.51 -5.15 1.02
N MET A 339 10.50 -4.37 -0.09
CA MET A 339 10.17 -4.97 -1.37
C MET A 339 11.23 -5.99 -1.77
N LYS A 340 12.51 -5.61 -1.65
CA LYS A 340 13.58 -6.54 -2.01
C LYS A 340 13.57 -7.74 -1.08
N LEU A 341 13.30 -7.52 0.21
CA LEU A 341 13.21 -8.64 1.13
C LEU A 341 12.09 -9.59 0.72
N LEU A 342 10.93 -9.05 0.35
CA LEU A 342 9.82 -9.88 -0.11
C LEU A 342 10.16 -10.60 -1.42
N ALA A 343 10.70 -9.86 -2.39
CA ALA A 343 11.12 -10.50 -3.64
C ALA A 343 12.06 -11.67 -3.36
N TYR A 344 13.09 -11.43 -2.55
CA TYR A 344 14.07 -12.49 -2.32
C TYR A 344 13.45 -13.64 -1.54
N ALA A 345 12.74 -13.34 -0.45
CA ALA A 345 12.26 -14.40 0.44
C ALA A 345 11.23 -15.28 -0.27
N LEU A 346 10.29 -14.67 -0.99
CA LEU A 346 9.27 -15.46 -1.69
C LEU A 346 9.92 -16.40 -2.71
N ASP A 347 10.90 -15.89 -3.46
CA ASP A 347 11.60 -16.74 -4.41
C ASP A 347 12.39 -17.82 -3.70
N TYR A 348 13.12 -17.47 -2.63
CA TYR A 348 13.98 -18.46 -1.98
C TYR A 348 13.15 -19.55 -1.29
N TRP A 349 12.19 -19.14 -0.46
CA TRP A 349 11.49 -20.16 0.33
C TRP A 349 10.55 -21.01 -0.51
N SER A 350 10.06 -20.50 -1.64
CA SER A 350 9.20 -21.29 -2.51
C SER A 350 9.98 -22.09 -3.55
N LYS A 351 11.32 -22.12 -3.43
CA LYS A 351 12.17 -22.81 -4.39
C LYS A 351 11.86 -22.34 -5.82
N GLY A 352 11.59 -21.04 -5.96
CA GLY A 352 11.35 -20.47 -7.26
C GLY A 352 9.95 -20.66 -7.81
N GLN A 353 9.03 -21.24 -7.04
CA GLN A 353 7.69 -21.51 -7.56
C GLN A 353 6.78 -20.28 -7.54
N LEU A 354 7.09 -19.26 -6.75
CA LEU A 354 6.23 -18.09 -6.62
C LEU A 354 7.00 -16.84 -7.00
N LYS A 355 6.27 -15.84 -7.50
CA LYS A 355 6.84 -14.57 -7.97
C LYS A 355 6.23 -13.43 -7.18
N ALA A 356 7.09 -12.60 -6.56
CA ALA A 356 6.64 -11.39 -5.89
C ALA A 356 6.46 -10.25 -6.90
N LEU A 357 5.25 -9.70 -6.94
CA LEU A 357 4.92 -8.63 -7.88
C LEU A 357 4.54 -7.37 -7.11
N PHE A 358 4.82 -6.22 -7.70
CA PHE A 358 4.57 -4.93 -7.07
C PHE A 358 3.93 -4.00 -8.08
N LEU A 359 3.30 -2.94 -7.58
CA LEU A 359 2.51 -2.04 -8.43
C LEU A 359 2.87 -0.60 -8.09
N GLU A 360 3.06 0.23 -9.12
CA GLU A 360 3.49 1.61 -8.93
C GLU A 360 2.49 2.42 -8.10
N HIS A 361 1.19 2.14 -8.25
CA HIS A 361 0.22 2.91 -7.50
C HIS A 361 -0.20 2.22 -6.22
N GLU A 362 0.68 1.39 -5.65
CA GLU A 362 0.37 0.68 -4.42
C GLU A 362 0.08 1.68 -3.33
N GLY A 363 -1.14 1.67 -2.86
CA GLY A 363 -1.61 2.57 -1.84
C GLY A 363 -2.99 3.03 -2.23
N TYR A 364 -3.22 3.20 -3.53
CA TYR A 364 -4.34 4.01 -4.02
C TYR A 364 -5.45 3.22 -4.69
N PHE A 365 -5.35 1.89 -4.78
CA PHE A 365 -6.33 1.17 -5.60
C PHE A 365 -7.75 1.26 -5.05
N GLY A 366 -7.91 1.22 -3.72
CA GLY A 366 -9.24 1.40 -3.14
C GLY A 366 -9.86 2.74 -3.51
N ALA A 367 -9.07 3.82 -3.43
CA ALA A 367 -9.58 5.14 -3.77
C ALA A 367 -10.05 5.20 -5.22
N VAL A 368 -9.29 4.55 -6.13
CA VAL A 368 -9.69 4.51 -7.53
C VAL A 368 -10.95 3.68 -7.71
N GLY A 369 -11.02 2.52 -7.04
CA GLY A 369 -12.21 1.69 -7.17
C GLY A 369 -13.46 2.42 -6.70
N ALA A 370 -13.36 3.16 -5.60
CA ALA A 370 -14.47 4.01 -5.17
C ALA A 370 -14.88 4.97 -6.28
N LEU A 371 -13.91 5.72 -6.83
CA LEU A 371 -14.22 6.66 -7.89
C LEU A 371 -14.96 5.97 -9.03
N LEU A 372 -14.55 4.74 -9.36
CA LEU A 372 -15.17 4.01 -10.46
C LEU A 372 -16.61 3.59 -10.16
N GLY A 373 -17.03 3.59 -8.88
CA GLY A 373 -18.41 3.31 -8.54
C GLY A 373 -19.37 4.45 -8.79
N LEU A 374 -18.85 5.60 -9.21
CA LEU A 374 -19.67 6.80 -9.34
C LEU A 374 -20.83 6.67 -10.34
N PRO A 375 -20.71 5.97 -11.47
CA PRO A 375 -21.89 5.87 -12.37
C PRO A 375 -23.10 5.21 -11.74
N ASN A 376 -22.91 4.37 -10.73
CA ASN A 376 -24.03 3.72 -10.06
C ASN A 376 -24.87 4.69 -9.23
N PHE A 377 -24.53 5.97 -9.21
CA PHE A 377 -25.27 6.95 -8.42
C PHE A 377 -25.52 8.23 -9.23
#